data_7NLT
#
_entry.id   7NLT
#
_cell.length_a   173.627
_cell.length_b   173.627
_cell.length_c   71.992
_cell.angle_alpha   90.000
_cell.angle_beta   90.000
_cell.angle_gamma   120.000
#
_symmetry.space_group_name_H-M   'H 3 2'
#
loop_
_entity.id
_entity.type
_entity.pdbx_description
1 polymer 'Acetylglutamate kinase'
2 non-polymer '4-(4-methylpiperazin-1-yl)benzoic acid'
3 non-polymer 'SULFATE ION'
4 water water
#
_entity_poly.entity_id   1
_entity_poly.type   'polypeptide(L)'
_entity_poly.pdbx_seq_one_letter_code
;GSMVSRIEALPTHIKAQVLAEALPWLKQLHGKVVVVKYGGNAMTDDTLRRAFAADMAFLRNCGIHPVVVHGGGPQITAML
RRLGIEGDFKGGFRVTTPEVLDVARMVLFGQVGRELVNLINAHGPYAVGITGEDAQLFTAVRRSVTVDGVATDIGLVGDV
DQVNTAAMLDLVAAGRIPVVSTLAPDADGVVHNINADTAAAAVAEALGAEKLLMLTDIDGLYTRWPDRDSLVSEIDTGTL
AQLLPTLESGMVPKVEACLRAVIGGVPSAHIIDGRVTHCVLVELFTDAGTGTKVVRG
;
_entity_poly.pdbx_strand_id   A
#
# COMPACT_ATOMS: atom_id res chain seq x y z
N ILE A 7 -19.09 -17.81 -16.52
CA ILE A 7 -19.04 -16.49 -17.14
C ILE A 7 -18.93 -16.59 -18.66
N GLU A 8 -19.39 -17.69 -19.25
CA GLU A 8 -19.38 -17.82 -20.70
C GLU A 8 -20.79 -17.83 -21.30
N ALA A 9 -21.83 -17.68 -20.48
CA ALA A 9 -23.15 -17.39 -21.00
C ALA A 9 -23.19 -15.94 -21.50
N LEU A 10 -22.03 -15.26 -21.43
CA LEU A 10 -21.81 -13.88 -21.84
C LEU A 10 -21.31 -13.84 -23.28
N PRO A 11 -21.93 -13.06 -24.15
CA PRO A 11 -21.58 -13.09 -25.57
C PRO A 11 -20.12 -12.77 -25.80
N THR A 12 -19.51 -13.47 -26.76
CA THR A 12 -18.08 -13.34 -26.97
C THR A 12 -17.70 -11.99 -27.57
N HIS A 13 -18.64 -11.29 -28.23
CA HIS A 13 -18.30 -9.98 -28.76
C HIS A 13 -18.32 -8.88 -27.70
N ILE A 14 -18.95 -9.10 -26.54
CA ILE A 14 -18.79 -8.18 -25.41
C ILE A 14 -17.52 -8.50 -24.61
N LYS A 15 -17.12 -9.78 -24.56
CA LYS A 15 -15.81 -10.13 -24.01
C LYS A 15 -14.69 -9.44 -24.78
N ALA A 16 -14.83 -9.35 -26.10
CA ALA A 16 -13.88 -8.59 -26.89
C ALA A 16 -13.84 -7.14 -26.42
N GLN A 17 -15.01 -6.52 -26.26
CA GLN A 17 -15.06 -5.09 -26.02
C GLN A 17 -14.41 -4.72 -24.69
N VAL A 18 -14.52 -5.59 -23.68
CA VAL A 18 -13.95 -5.26 -22.37
C VAL A 18 -12.42 -5.33 -22.44
N LEU A 19 -11.90 -6.37 -23.11
CA LEU A 19 -10.46 -6.44 -23.35
C LEU A 19 -9.99 -5.24 -24.16
N ALA A 20 -10.67 -4.94 -25.28
CA ALA A 20 -10.19 -3.84 -26.11
C ALA A 20 -10.26 -2.51 -25.37
N GLU A 21 -11.17 -2.39 -24.41
CA GLU A 21 -11.28 -1.15 -23.64
C GLU A 21 -10.15 -0.97 -22.65
N ALA A 22 -9.35 -2.00 -22.40
CA ALA A 22 -8.18 -1.84 -21.54
C ALA A 22 -7.02 -1.17 -22.24
N LEU A 23 -7.03 -1.09 -23.57
CA LEU A 23 -5.84 -0.69 -24.33
C LEU A 23 -5.24 0.64 -23.89
N PRO A 24 -6.02 1.71 -23.70
CA PRO A 24 -5.39 2.99 -23.32
C PRO A 24 -4.72 2.94 -21.97
N TRP A 25 -5.23 2.13 -21.05
CA TRP A 25 -4.53 2.00 -19.78
C TRP A 25 -3.31 1.08 -19.89
N LEU A 26 -3.35 0.06 -20.75
CA LEU A 26 -2.10 -0.66 -21.03
C LEU A 26 -1.03 0.29 -21.58
N LYS A 27 -1.41 1.19 -22.50
CA LYS A 27 -0.43 2.12 -23.06
C LYS A 27 0.13 3.03 -21.97
N GLN A 28 -0.75 3.55 -21.11
CA GLN A 28 -0.32 4.52 -20.11
C GLN A 28 0.63 3.89 -19.08
N LEU A 29 0.50 2.59 -18.81
CA LEU A 29 1.27 1.95 -17.76
C LEU A 29 2.39 1.03 -18.25
N HIS A 30 2.47 0.73 -19.54
CA HIS A 30 3.58 -0.10 -20.03
C HIS A 30 4.93 0.48 -19.61
N GLY A 31 5.76 -0.35 -18.98
CA GLY A 31 7.08 0.09 -18.55
C GLY A 31 7.11 1.03 -17.36
N LYS A 32 5.99 1.19 -16.67
CA LYS A 32 5.86 2.15 -15.58
C LYS A 32 5.77 1.43 -14.25
N VAL A 33 6.22 2.11 -13.19
CA VAL A 33 6.07 1.62 -11.82
C VAL A 33 4.66 1.94 -11.32
N VAL A 34 4.04 0.97 -10.65
CA VAL A 34 2.79 1.15 -9.89
C VAL A 34 3.02 0.61 -8.49
N VAL A 35 2.94 1.47 -7.48
CA VAL A 35 3.08 1.02 -6.09
C VAL A 35 1.68 0.72 -5.54
N VAL A 36 1.55 -0.45 -4.93
CA VAL A 36 0.27 -0.94 -4.45
C VAL A 36 0.38 -1.15 -2.95
N LYS A 37 -0.28 -0.30 -2.16
CA LYS A 37 -0.46 -0.59 -0.74
C LYS A 37 -1.54 -1.65 -0.60
N TYR A 38 -1.17 -2.75 0.03
CA TYR A 38 -2.00 -3.93 0.16
C TYR A 38 -2.27 -4.16 1.64
N GLY A 39 -3.54 -4.15 2.03
CA GLY A 39 -3.90 -4.39 3.42
C GLY A 39 -5.39 -4.67 3.54
N GLY A 40 -5.87 -4.69 4.78
CA GLY A 40 -7.29 -4.90 5.00
C GLY A 40 -7.78 -6.28 4.57
N ASN A 41 -9.05 -6.32 4.13
CA ASN A 41 -9.70 -7.59 3.83
C ASN A 41 -9.13 -8.26 2.58
N ALA A 42 -8.55 -7.49 1.66
CA ALA A 42 -7.94 -8.09 0.47
C ALA A 42 -6.75 -8.94 0.89
N MET A 43 -6.42 -8.89 2.18
CA MET A 43 -5.28 -9.62 2.74
C MET A 43 -5.69 -10.78 3.63
N THR A 44 -6.94 -10.84 4.09
CA THR A 44 -7.36 -11.94 4.96
C THR A 44 -8.29 -12.94 4.29
N ASP A 45 -9.07 -12.55 3.28
CA ASP A 45 -9.90 -13.54 2.61
C ASP A 45 -9.09 -14.21 1.52
N ASP A 46 -9.17 -15.54 1.46
CA ASP A 46 -8.27 -16.28 0.61
C ASP A 46 -8.54 -16.03 -0.87
N THR A 47 -9.81 -15.89 -1.26
CA THR A 47 -10.09 -15.64 -2.68
C THR A 47 -9.69 -14.23 -3.10
N LEU A 48 -9.85 -13.25 -2.21
CA LEU A 48 -9.33 -11.91 -2.52
C LEU A 48 -7.81 -11.93 -2.59
N ARG A 49 -7.16 -12.64 -1.66
CA ARG A 49 -5.72 -12.77 -1.67
C ARG A 49 -5.24 -13.38 -2.97
N ARG A 50 -5.79 -14.55 -3.34
CA ARG A 50 -5.36 -15.18 -4.58
C ARG A 50 -5.63 -14.27 -5.77
N ALA A 51 -6.71 -13.49 -5.75
CA ALA A 51 -6.95 -12.56 -6.85
C ALA A 51 -5.95 -11.41 -6.81
N PHE A 52 -5.56 -10.95 -5.61
CA PHE A 52 -4.55 -9.90 -5.56
C PHE A 52 -3.25 -10.40 -6.18
N ALA A 53 -2.84 -11.63 -5.85
CA ALA A 53 -1.58 -12.16 -6.36
C ALA A 53 -1.64 -12.35 -7.88
N ALA A 54 -2.76 -12.86 -8.37
CA ALA A 54 -2.92 -13.03 -9.82
C ALA A 54 -2.85 -11.70 -10.53
N ASP A 55 -3.38 -10.64 -9.91
CA ASP A 55 -3.33 -9.30 -10.50
C ASP A 55 -1.91 -8.77 -10.56
N MET A 56 -1.09 -9.04 -9.53
CA MET A 56 0.31 -8.64 -9.61
C MET A 56 1.01 -9.36 -10.76
N ALA A 57 0.74 -10.66 -10.94
CA ALA A 57 1.27 -11.40 -12.09
C ALA A 57 0.76 -10.83 -13.41
N PHE A 58 -0.49 -10.39 -13.45
CA PHE A 58 -1.05 -9.74 -14.63
C PHE A 58 -0.21 -8.52 -15.01
N LEU A 59 -0.05 -7.58 -14.07
CA LEU A 59 0.78 -6.40 -14.32
C LEU A 59 2.13 -6.80 -14.87
N ARG A 60 2.79 -7.74 -14.19
CA ARG A 60 4.12 -8.18 -14.61
C ARG A 60 4.10 -8.78 -16.01
N ASN A 61 3.04 -9.51 -16.38
CA ASN A 61 3.01 -10.12 -17.70
C ASN A 61 2.42 -9.18 -18.75
N CYS A 62 2.16 -7.93 -18.39
CA CYS A 62 1.96 -6.86 -19.35
C CYS A 62 3.19 -5.98 -19.52
N GLY A 63 4.29 -6.30 -18.84
CA GLY A 63 5.47 -5.44 -18.89
C GLY A 63 5.33 -4.19 -18.04
N ILE A 64 4.38 -4.21 -17.08
CA ILE A 64 4.19 -3.20 -16.05
C ILE A 64 5.04 -3.62 -14.85
N HIS A 65 5.48 -2.64 -14.02
CA HIS A 65 6.33 -2.91 -12.86
C HIS A 65 5.63 -2.71 -11.51
N PRO A 66 4.82 -3.66 -11.05
CA PRO A 66 4.17 -3.50 -9.74
C PRO A 66 5.19 -3.55 -8.60
N VAL A 67 5.00 -2.70 -7.61
CA VAL A 67 5.72 -2.79 -6.34
C VAL A 67 4.67 -2.88 -5.22
N VAL A 68 4.80 -3.90 -4.37
CA VAL A 68 3.79 -4.18 -3.34
C VAL A 68 4.35 -3.78 -1.98
N VAL A 69 3.62 -2.90 -1.29
CA VAL A 69 3.90 -2.54 0.09
C VAL A 69 2.75 -3.08 0.94
N HIS A 70 3.07 -3.73 2.06
CA HIS A 70 2.04 -4.36 2.89
C HIS A 70 2.18 -3.98 4.35
N GLY A 71 1.06 -3.93 5.03
CA GLY A 71 1.00 -3.78 6.47
C GLY A 71 0.72 -5.11 7.15
N GLY A 72 0.14 -5.03 8.34
CA GLY A 72 -0.05 -6.23 9.13
C GLY A 72 -0.27 -5.93 10.61
N GLY A 73 -0.99 -4.86 10.88
CA GLY A 73 -1.28 -4.45 12.24
C GLY A 73 -1.89 -5.53 13.10
N PRO A 74 -3.03 -6.09 12.68
CA PRO A 74 -3.72 -7.08 13.55
C PRO A 74 -2.90 -8.32 13.82
N GLN A 75 -2.12 -8.79 12.84
CA GLN A 75 -1.31 -9.99 13.00
C GLN A 75 -0.24 -9.80 14.06
N ILE A 76 0.31 -8.58 14.14
CA ILE A 76 1.30 -8.27 15.16
C ILE A 76 0.67 -8.35 16.55
N THR A 77 -0.46 -7.66 16.73
CA THR A 77 -1.22 -7.76 17.97
C THR A 77 -1.47 -9.22 18.35
N ALA A 78 -1.97 -10.03 17.42
CA ALA A 78 -2.23 -11.42 17.75
C ALA A 78 -0.96 -12.13 18.23
N MET A 79 0.16 -11.92 17.54
CA MET A 79 1.39 -12.61 17.94
C MET A 79 1.87 -12.15 19.32
N LEU A 80 1.77 -10.86 19.62
CA LEU A 80 2.19 -10.34 20.92
C LEU A 80 1.34 -10.94 22.04
N ARG A 81 0.05 -11.10 21.79
CA ARG A 81 -0.81 -11.73 22.79
C ARG A 81 -0.41 -13.19 22.97
N ARG A 82 -0.15 -13.90 21.87
CA ARG A 82 0.28 -15.29 22.01
C ARG A 82 1.57 -15.40 22.82
N LEU A 83 2.49 -14.45 22.64
CA LEU A 83 3.74 -14.45 23.39
C LEU A 83 3.59 -13.85 24.77
N GLY A 84 2.38 -13.42 25.15
CA GLY A 84 2.20 -12.85 26.47
C GLY A 84 2.99 -11.57 26.70
N ILE A 85 3.32 -10.84 25.64
CA ILE A 85 4.04 -9.58 25.76
C ILE A 85 3.05 -8.50 26.18
N GLU A 86 3.22 -7.97 27.37
CA GLU A 86 2.32 -6.94 27.86
C GLU A 86 2.63 -5.62 27.16
N GLY A 87 1.58 -4.97 26.64
CA GLY A 87 1.74 -3.71 25.94
C GLY A 87 1.68 -2.50 26.87
N ASP A 88 2.37 -1.45 26.44
CA ASP A 88 2.24 -0.12 27.01
C ASP A 88 1.55 0.77 25.98
N PHE A 89 0.64 1.63 26.43
CA PHE A 89 -0.14 2.42 25.49
C PHE A 89 -0.13 3.88 25.91
N LYS A 90 0.32 4.73 24.99
CA LYS A 90 0.16 6.18 25.11
C LYS A 90 -0.88 6.60 24.08
N GLY A 91 -1.93 7.27 24.55
CA GLY A 91 -3.04 7.53 23.66
C GLY A 91 -3.64 6.22 23.18
N GLY A 92 -3.81 6.09 21.88
CA GLY A 92 -4.25 4.84 21.30
C GLY A 92 -3.12 4.05 20.68
N PHE A 93 -1.88 4.37 21.04
CA PHE A 93 -0.70 3.80 20.40
C PHE A 93 0.01 2.86 21.36
N ARG A 94 0.30 1.65 20.89
CA ARG A 94 1.26 0.77 21.54
C ARG A 94 2.66 1.35 21.45
N VAL A 95 3.42 1.29 22.55
CA VAL A 95 4.82 1.69 22.51
C VAL A 95 5.64 0.55 21.91
N THR A 96 6.44 0.87 20.90
CA THR A 96 7.26 -0.15 20.23
C THR A 96 8.61 -0.22 20.95
N THR A 97 8.67 -1.08 21.97
CA THR A 97 9.93 -1.43 22.62
C THR A 97 10.82 -2.20 21.64
N PRO A 98 12.13 -2.44 21.92
CA PRO A 98 12.93 -3.31 21.06
C PRO A 98 12.25 -4.67 20.91
N GLU A 99 11.61 -5.15 21.98
CA GLU A 99 10.94 -6.48 21.96
C GLU A 99 9.78 -6.47 20.96
N VAL A 100 8.97 -5.43 20.99
CA VAL A 100 7.78 -5.36 20.09
C VAL A 100 8.28 -5.27 18.65
N LEU A 101 9.38 -4.54 18.43
CA LEU A 101 9.93 -4.42 17.06
C LEU A 101 10.36 -5.79 16.56
N ASP A 102 11.11 -6.51 17.37
CA ASP A 102 11.52 -7.87 16.98
C ASP A 102 10.28 -8.67 16.56
N VAL A 103 9.21 -8.60 17.36
CA VAL A 103 8.01 -9.35 17.01
C VAL A 103 7.40 -8.81 15.72
N ALA A 104 7.25 -7.49 15.64
CA ALA A 104 6.67 -6.88 14.45
C ALA A 104 7.42 -7.30 13.19
N ARG A 105 8.74 -7.14 13.20
CA ARG A 105 9.53 -7.46 12.02
C ARG A 105 9.39 -8.93 11.66
N MET A 106 9.43 -9.79 12.68
CA MET A 106 9.36 -11.21 12.46
C MET A 106 7.99 -11.61 11.89
N VAL A 107 6.93 -10.88 12.23
CA VAL A 107 5.59 -11.17 11.69
C VAL A 107 5.41 -10.56 10.30
N LEU A 108 5.79 -9.29 10.14
CA LEU A 108 5.65 -8.61 8.85
C LEU A 108 6.50 -9.30 7.77
N PHE A 109 7.81 -9.40 8.02
CA PHE A 109 8.73 -9.98 7.04
C PHE A 109 8.72 -11.51 7.05
N GLY A 110 8.63 -12.15 8.24
CA GLY A 110 8.76 -13.60 8.29
C GLY A 110 7.48 -14.38 8.12
N GLN A 111 6.33 -13.69 8.07
CA GLN A 111 5.02 -14.34 7.99
C GLN A 111 4.15 -13.68 6.91
N VAL A 112 3.76 -12.42 7.11
CA VAL A 112 2.82 -11.78 6.20
C VAL A 112 3.43 -11.61 4.80
N GLY A 113 4.65 -11.06 4.72
CA GLY A 113 5.32 -10.95 3.42
C GLY A 113 5.54 -12.29 2.75
N ARG A 114 5.90 -13.32 3.52
CA ARG A 114 6.18 -14.63 2.95
C ARG A 114 4.96 -15.22 2.26
N GLU A 115 3.77 -15.11 2.89
CA GLU A 115 2.57 -15.66 2.25
C GLU A 115 2.31 -14.98 0.92
N LEU A 116 2.45 -13.67 0.87
CA LEU A 116 2.16 -12.97 -0.37
C LEU A 116 3.18 -13.34 -1.45
N VAL A 117 4.46 -13.47 -1.06
CA VAL A 117 5.50 -13.90 -2.00
C VAL A 117 5.15 -15.26 -2.59
N ASN A 118 4.65 -16.18 -1.77
CA ASN A 118 4.37 -17.53 -2.26
C ASN A 118 3.14 -17.56 -3.15
N LEU A 119 2.17 -16.72 -2.84
CA LEU A 119 0.96 -16.64 -3.63
C LEU A 119 1.29 -16.11 -4.99
N ILE A 120 2.02 -15.02 -5.03
CA ILE A 120 2.42 -14.43 -6.29
C ILE A 120 3.24 -15.42 -7.06
N ASN A 121 4.17 -16.08 -6.39
CA ASN A 121 5.04 -17.01 -7.07
C ASN A 121 4.41 -18.28 -7.57
N ALA A 122 3.12 -18.39 -7.39
CA ALA A 122 2.41 -19.52 -7.92
C ALA A 122 2.27 -19.29 -9.41
N HIS A 123 2.44 -18.05 -9.85
CA HIS A 123 2.34 -17.68 -11.25
C HIS A 123 3.66 -17.55 -11.93
N GLY A 124 4.74 -17.68 -11.19
CA GLY A 124 6.05 -17.55 -11.77
C GLY A 124 7.08 -17.06 -10.81
N PRO A 125 8.39 -17.09 -11.28
CA PRO A 125 9.39 -16.64 -10.32
C PRO A 125 9.46 -15.13 -10.24
N TYR A 126 8.45 -14.51 -9.69
CA TYR A 126 8.41 -13.08 -9.65
C TYR A 126 8.68 -12.36 -8.35
N ALA A 127 7.97 -12.73 -7.31
CA ALA A 127 8.09 -12.04 -6.04
C ALA A 127 9.35 -12.19 -5.24
N VAL A 128 9.73 -11.12 -4.59
CA VAL A 128 10.91 -11.08 -3.78
C VAL A 128 10.59 -10.19 -2.61
N GLY A 129 10.83 -10.67 -1.39
CA GLY A 129 10.54 -9.90 -0.21
C GLY A 129 11.68 -9.12 0.35
N ILE A 130 11.42 -7.90 0.76
CA ILE A 130 12.47 -7.07 1.28
C ILE A 130 12.00 -6.06 2.28
N THR A 131 12.94 -5.43 2.95
CA THR A 131 12.68 -4.38 3.87
C THR A 131 13.77 -3.38 3.65
N GLY A 132 13.66 -2.25 4.31
CA GLY A 132 14.70 -1.24 4.27
C GLY A 132 16.07 -1.79 4.61
N GLU A 133 16.13 -2.86 5.42
CA GLU A 133 17.41 -3.40 5.86
C GLU A 133 18.21 -4.00 4.70
N ASP A 134 17.53 -4.60 3.72
CA ASP A 134 18.25 -5.38 2.71
C ASP A 134 18.99 -4.44 1.75
N ALA A 135 20.33 -4.60 1.68
CA ALA A 135 21.20 -3.70 0.89
C ALA A 135 20.95 -2.24 1.19
N GLN A 136 20.49 -1.93 2.42
CA GLN A 136 20.20 -0.54 2.82
C GLN A 136 19.28 0.14 1.82
N LEU A 137 18.23 -0.58 1.38
CA LEU A 137 17.33 -0.03 0.37
C LEU A 137 16.69 1.27 0.82
N PHE A 138 16.32 1.37 2.10
CA PHE A 138 15.84 2.66 2.57
C PHE A 138 16.03 2.74 4.07
N THR A 139 16.02 3.96 4.55
CA THR A 139 16.23 4.23 5.96
C THR A 139 14.97 4.79 6.58
N ALA A 140 14.97 4.84 7.90
CA ALA A 140 13.88 5.45 8.64
C ALA A 140 14.41 6.57 9.51
N VAL A 141 13.52 7.48 9.87
CA VAL A 141 13.77 8.49 10.90
C VAL A 141 12.69 8.34 11.95
N ARG A 142 13.08 8.38 13.22
CA ARG A 142 12.14 8.18 14.30
C ARG A 142 11.03 9.22 14.22
N ARG A 143 9.79 8.76 14.37
CA ARG A 143 8.62 9.61 14.37
C ARG A 143 8.09 9.74 15.79
N SER A 144 7.55 10.91 16.10
CA SER A 144 6.72 11.10 17.27
C SER A 144 5.26 11.20 16.83
N VAL A 145 4.35 10.86 17.75
CA VAL A 145 2.94 11.04 17.50
C VAL A 145 2.41 12.09 18.46
N THR A 146 1.26 12.65 18.10
CA THR A 146 0.60 13.67 18.91
C THR A 146 -0.59 13.03 19.60
N VAL A 147 -0.57 13.02 20.93
CA VAL A 147 -1.68 12.48 21.73
C VAL A 147 -2.23 13.60 22.60
N ASP A 148 -3.54 13.79 22.55
CA ASP A 148 -4.24 14.78 23.36
C ASP A 148 -3.59 16.15 23.22
N GLY A 149 -3.02 16.42 22.05
CA GLY A 149 -2.41 17.69 21.73
C GLY A 149 -0.89 17.71 21.75
N VAL A 150 -0.25 16.77 22.45
CA VAL A 150 1.19 16.82 22.68
C VAL A 150 1.87 15.72 21.85
N ALA A 151 2.91 16.10 21.11
CA ALA A 151 3.74 15.13 20.44
C ALA A 151 4.56 14.35 21.48
N THR A 152 4.77 13.06 21.21
CA THR A 152 5.35 12.20 22.24
C THR A 152 5.94 10.95 21.61
N ASP A 153 6.84 10.32 22.35
CA ASP A 153 7.59 9.17 21.86
C ASP A 153 6.79 7.88 22.08
N ILE A 154 6.79 7.02 21.06
CA ILE A 154 6.15 5.70 21.17
C ILE A 154 7.13 4.64 20.71
N GLY A 155 8.42 4.89 20.94
CA GLY A 155 9.41 3.87 20.67
C GLY A 155 9.84 3.86 19.21
N LEU A 156 10.16 2.65 18.73
CA LEU A 156 10.87 2.46 17.47
C LEU A 156 9.90 2.40 16.28
N VAL A 157 9.21 3.52 16.08
CA VAL A 157 8.35 3.74 14.93
C VAL A 157 8.91 4.92 14.18
N GLY A 158 8.84 4.88 12.84
CA GLY A 158 9.45 5.93 12.06
C GLY A 158 8.73 6.21 10.76
N ASP A 159 9.30 7.15 10.00
CA ASP A 159 8.93 7.42 8.62
C ASP A 159 10.08 7.04 7.70
N VAL A 160 9.75 6.69 6.47
CA VAL A 160 10.78 6.42 5.47
C VAL A 160 11.64 7.67 5.29
N ASP A 161 12.96 7.51 5.47
CA ASP A 161 13.86 8.65 5.37
C ASP A 161 14.32 8.83 3.92
N GLN A 162 15.31 8.07 3.45
CA GLN A 162 15.72 8.13 2.06
C GLN A 162 15.69 6.74 1.44
N VAL A 163 15.67 6.71 0.10
CA VAL A 163 15.39 5.51 -0.66
C VAL A 163 16.43 5.32 -1.74
N ASN A 164 17.00 4.12 -1.83
CA ASN A 164 17.95 3.78 -2.91
C ASN A 164 17.14 3.55 -4.18
N THR A 165 16.74 4.67 -4.79
CA THR A 165 15.90 4.62 -5.98
C THR A 165 16.49 3.73 -7.06
N ALA A 166 17.79 3.92 -7.36
CA ALA A 166 18.42 3.16 -8.43
C ALA A 166 18.31 1.65 -8.19
N ALA A 167 18.70 1.19 -7.00
CA ALA A 167 18.73 -0.25 -6.77
C ALA A 167 17.34 -0.88 -6.85
N MET A 168 16.31 -0.14 -6.48
CA MET A 168 14.98 -0.69 -6.58
C MET A 168 14.56 -0.78 -8.02
N LEU A 169 14.83 0.26 -8.79
CA LEU A 169 14.44 0.21 -10.20
C LEU A 169 15.12 -0.94 -10.93
N ASP A 170 16.35 -1.26 -10.56
CA ASP A 170 17.01 -2.45 -11.10
C ASP A 170 16.19 -3.71 -10.83
N LEU A 171 15.68 -3.85 -9.60
CA LEU A 171 14.89 -5.03 -9.25
C LEU A 171 13.72 -5.19 -10.20
N VAL A 172 12.95 -4.12 -10.40
CA VAL A 172 11.75 -4.28 -11.21
C VAL A 172 12.11 -4.49 -12.68
N ALA A 173 13.18 -3.84 -13.17
CA ALA A 173 13.57 -4.06 -14.55
C ALA A 173 14.05 -5.49 -14.77
N ALA A 174 14.53 -6.16 -13.71
CA ALA A 174 14.87 -7.56 -13.85
C ALA A 174 13.64 -8.46 -13.96
N GLY A 175 12.43 -7.90 -13.92
CA GLY A 175 11.22 -8.69 -13.92
C GLY A 175 10.73 -9.14 -12.55
N ARG A 176 11.22 -8.53 -11.46
CA ARG A 176 10.84 -8.94 -10.11
C ARG A 176 9.73 -8.09 -9.54
N ILE A 177 8.94 -8.68 -8.66
CA ILE A 177 7.97 -7.94 -7.89
C ILE A 177 8.45 -7.81 -6.45
N PRO A 178 8.89 -6.66 -6.04
CA PRO A 178 9.29 -6.50 -4.67
C PRO A 178 8.06 -6.50 -3.78
N VAL A 179 8.13 -7.19 -2.66
CA VAL A 179 7.05 -7.22 -1.70
C VAL A 179 7.73 -6.64 -0.51
N VAL A 180 7.37 -5.42 -0.19
CA VAL A 180 8.01 -4.70 0.88
C VAL A 180 7.37 -4.73 2.25
N SER A 181 8.15 -5.09 3.25
CA SER A 181 7.72 -5.10 4.63
C SER A 181 8.33 -3.82 5.13
N THR A 182 7.51 -2.93 5.65
CA THR A 182 7.96 -1.62 6.07
C THR A 182 8.79 -1.42 7.33
N LEU A 183 9.99 -1.95 7.33
CA LEU A 183 10.89 -1.76 8.45
C LEU A 183 12.18 -1.27 7.85
N ALA A 184 12.93 -0.46 8.56
CA ALA A 184 14.18 0.05 8.01
C ALA A 184 15.05 0.59 9.09
N PRO A 185 16.35 0.58 8.86
CA PRO A 185 17.26 1.10 9.89
C PRO A 185 17.27 2.63 9.88
N ASP A 186 17.54 3.20 11.05
CA ASP A 186 17.77 4.65 11.09
C ASP A 186 19.23 4.91 10.75
N ALA A 187 19.67 6.16 10.86
CA ALA A 187 21.05 6.46 10.50
C ALA A 187 22.07 5.73 11.37
N ASP A 188 21.65 5.20 12.53
CA ASP A 188 22.56 4.49 13.41
C ASP A 188 22.44 2.97 13.31
N GLY A 189 21.68 2.47 12.34
CA GLY A 189 21.46 1.04 12.21
C GLY A 189 20.37 0.45 13.09
N VAL A 190 19.54 1.27 13.72
CA VAL A 190 18.48 0.78 14.60
C VAL A 190 17.20 0.68 13.80
N VAL A 191 16.69 -0.54 13.66
CA VAL A 191 15.54 -0.80 12.81
C VAL A 191 14.25 -0.29 13.46
N HIS A 192 13.48 0.47 12.70
CA HIS A 192 12.18 0.98 13.12
C HIS A 192 11.08 0.33 12.28
N ASN A 193 9.86 0.32 12.82
CA ASN A 193 8.66 -0.07 12.10
C ASN A 193 8.00 1.17 11.50
N ILE A 194 7.49 1.05 10.28
CA ILE A 194 6.95 2.20 9.57
C ILE A 194 5.51 1.91 9.18
N ASN A 195 4.63 2.90 9.40
CA ASN A 195 3.25 2.80 8.92
C ASN A 195 3.25 2.48 7.43
N ALA A 196 2.55 1.40 7.06
CA ALA A 196 2.63 0.91 5.68
C ALA A 196 2.00 1.89 4.68
N ASP A 197 0.94 2.59 5.09
CA ASP A 197 0.33 3.57 4.22
C ASP A 197 1.32 4.68 3.86
N THR A 198 1.96 5.27 4.87
CA THR A 198 2.92 6.34 4.59
C THR A 198 4.10 5.80 3.78
N ALA A 199 4.62 4.63 4.14
CA ALA A 199 5.77 4.09 3.42
C ALA A 199 5.46 3.89 1.95
N ALA A 200 4.23 3.47 1.63
CA ALA A 200 3.86 3.26 0.23
C ALA A 200 3.90 4.57 -0.53
N ALA A 201 3.37 5.64 0.07
CA ALA A 201 3.48 6.96 -0.55
C ALA A 201 4.94 7.36 -0.76
N ALA A 202 5.80 7.09 0.22
CA ALA A 202 7.20 7.48 0.09
C ALA A 202 7.90 6.68 -1.01
N VAL A 203 7.62 5.38 -1.10
CA VAL A 203 8.21 4.57 -2.16
C VAL A 203 7.69 5.04 -3.52
N ALA A 204 6.39 5.28 -3.62
CA ALA A 204 5.81 5.76 -4.87
C ALA A 204 6.51 7.01 -5.38
N GLU A 205 6.71 7.98 -4.48
CA GLU A 205 7.37 9.22 -4.89
C GLU A 205 8.83 9.00 -5.21
N ALA A 206 9.53 8.20 -4.41
CA ALA A 206 10.95 7.98 -4.68
C ALA A 206 11.15 7.23 -5.99
N LEU A 207 10.24 6.34 -6.36
CA LEU A 207 10.45 5.58 -7.58
C LEU A 207 9.88 6.25 -8.83
N GLY A 208 9.32 7.45 -8.72
CA GLY A 208 8.68 8.04 -9.88
C GLY A 208 7.53 7.20 -10.37
N ALA A 209 6.77 6.60 -9.45
CA ALA A 209 5.66 5.74 -9.84
C ALA A 209 4.65 6.52 -10.68
N GLU A 210 4.04 5.81 -11.62
CA GLU A 210 2.95 6.40 -12.39
C GLU A 210 1.68 6.49 -11.55
N LYS A 211 1.41 5.48 -10.72
CA LYS A 211 0.21 5.45 -9.87
C LYS A 211 0.53 4.85 -8.51
N LEU A 212 -0.16 5.34 -7.49
CA LEU A 212 -0.22 4.69 -6.20
C LEU A 212 -1.66 4.21 -6.00
N LEU A 213 -1.82 2.92 -5.75
CA LEU A 213 -3.11 2.36 -5.37
C LEU A 213 -3.10 2.00 -3.90
N MET A 214 -4.14 2.41 -3.18
CA MET A 214 -4.31 2.14 -1.74
C MET A 214 -5.52 1.24 -1.53
N LEU A 215 -5.29 -0.04 -1.31
CA LEU A 215 -6.40 -0.93 -1.02
C LEU A 215 -6.88 -0.71 0.42
N THR A 216 -8.15 -0.31 0.56
CA THR A 216 -8.78 -0.13 1.85
C THR A 216 -10.14 -0.81 1.83
N ASP A 217 -10.73 -0.98 3.00
CA ASP A 217 -12.06 -1.57 3.08
C ASP A 217 -13.10 -0.44 3.14
N ILE A 218 -13.30 0.21 1.99
CA ILE A 218 -14.42 1.13 1.79
C ILE A 218 -14.60 1.33 0.29
N ASP A 219 -15.81 1.75 -0.11
CA ASP A 219 -16.08 1.99 -1.52
C ASP A 219 -15.18 3.08 -2.09
N GLY A 220 -14.77 4.01 -1.24
CA GLY A 220 -14.09 5.21 -1.67
C GLY A 220 -14.30 6.29 -0.63
N LEU A 221 -13.71 7.45 -0.90
CA LEU A 221 -13.81 8.56 0.05
C LEU A 221 -15.20 9.18 -0.04
N TYR A 222 -15.87 9.26 1.12
CA TYR A 222 -17.08 10.03 1.28
C TYR A 222 -16.70 11.36 1.92
N THR A 223 -17.22 12.45 1.38
CA THR A 223 -16.87 13.74 1.97
C THR A 223 -17.71 14.03 3.21
N ARG A 224 -18.94 13.51 3.28
CA ARG A 224 -19.82 13.67 4.43
C ARG A 224 -20.35 12.29 4.84
N TRP A 225 -19.46 11.41 5.30
CA TRP A 225 -19.87 10.10 5.77
C TRP A 225 -20.84 10.28 6.93
N PRO A 226 -21.97 9.55 6.91
CA PRO A 226 -22.31 8.52 5.93
C PRO A 226 -23.30 8.90 4.82
N ASP A 227 -23.40 10.17 4.42
CA ASP A 227 -24.26 10.56 3.31
C ASP A 227 -23.88 9.78 2.05
N ARG A 228 -24.81 8.97 1.55
CA ARG A 228 -24.50 8.06 0.45
C ARG A 228 -24.01 8.80 -0.79
N ASP A 229 -24.53 10.00 -1.05
CA ASP A 229 -24.14 10.74 -2.24
C ASP A 229 -23.13 11.84 -1.96
N SER A 230 -22.35 11.69 -0.89
CA SER A 230 -21.15 12.48 -0.68
C SER A 230 -19.92 11.80 -1.26
N LEU A 231 -20.09 10.64 -1.86
CA LEU A 231 -18.97 9.86 -2.37
C LEU A 231 -18.47 10.45 -3.68
N VAL A 232 -17.17 10.63 -3.78
CA VAL A 232 -16.54 11.22 -4.94
C VAL A 232 -15.80 10.14 -5.73
N SER A 233 -15.57 10.42 -7.01
CA SER A 233 -14.71 9.55 -7.81
C SER A 233 -13.37 10.19 -8.15
N GLU A 234 -13.25 11.52 -7.97
CA GLU A 234 -12.01 12.24 -8.25
C GLU A 234 -11.99 13.52 -7.44
N ILE A 235 -10.80 13.93 -7.01
CA ILE A 235 -10.61 15.11 -6.19
C ILE A 235 -9.14 15.52 -6.28
N ASP A 236 -8.86 16.81 -6.06
CA ASP A 236 -7.51 17.34 -6.16
C ASP A 236 -6.88 17.54 -4.77
N THR A 237 -5.55 17.69 -4.76
CA THR A 237 -4.84 17.76 -3.48
C THR A 237 -5.27 18.95 -2.64
N GLY A 238 -5.48 20.10 -3.26
CA GLY A 238 -5.89 21.27 -2.49
C GLY A 238 -7.23 21.06 -1.79
N THR A 239 -8.21 20.49 -2.51
CA THR A 239 -9.51 20.23 -1.94
C THR A 239 -9.46 19.09 -0.94
N LEU A 240 -8.64 18.07 -1.23
CA LEU A 240 -8.52 16.95 -0.30
C LEU A 240 -7.85 17.36 0.99
N ALA A 241 -6.83 18.23 0.90
CA ALA A 241 -6.15 18.71 2.10
C ALA A 241 -7.12 19.37 3.07
N GLN A 242 -8.07 20.13 2.54
CA GLN A 242 -8.99 20.86 3.41
C GLN A 242 -9.97 19.93 4.10
N LEU A 243 -10.39 18.86 3.41
CA LEU A 243 -11.38 17.95 3.97
C LEU A 243 -10.77 16.95 4.97
N LEU A 244 -9.45 16.83 5.03
CA LEU A 244 -8.82 15.79 5.82
C LEU A 244 -9.12 15.84 7.33
N PRO A 245 -9.14 17.01 8.00
CA PRO A 245 -9.45 16.99 9.45
C PRO A 245 -10.91 16.68 9.73
N THR A 246 -11.73 16.49 8.70
CA THR A 246 -13.12 16.10 8.81
C THR A 246 -13.31 14.58 8.83
N LEU A 247 -12.32 13.83 8.34
CA LEU A 247 -12.51 12.43 7.98
C LEU A 247 -12.37 11.49 9.17
N GLU A 248 -12.81 10.26 8.96
CA GLU A 248 -12.79 9.20 9.94
C GLU A 248 -11.34 8.85 10.30
N SER A 249 -11.16 8.24 11.48
CA SER A 249 -9.83 7.97 12.01
C SER A 249 -8.97 7.18 11.03
N GLY A 250 -9.53 6.07 10.52
CA GLY A 250 -8.74 5.18 9.69
C GLY A 250 -8.55 5.65 8.27
N MET A 251 -9.37 6.61 7.83
CA MET A 251 -9.17 7.18 6.49
C MET A 251 -8.03 8.20 6.45
N VAL A 252 -7.65 8.75 7.59
CA VAL A 252 -6.60 9.76 7.66
C VAL A 252 -5.32 9.23 7.02
N PRO A 253 -4.76 8.09 7.45
CA PRO A 253 -3.47 7.68 6.86
C PRO A 253 -3.55 7.40 5.37
N LYS A 254 -4.66 6.84 4.90
CA LYS A 254 -4.80 6.56 3.47
C LYS A 254 -4.88 7.85 2.66
N VAL A 255 -5.48 8.90 3.23
CA VAL A 255 -5.59 10.18 2.54
C VAL A 255 -4.28 10.95 2.60
N GLU A 256 -3.64 10.98 3.77
CA GLU A 256 -2.34 11.65 3.89
C GLU A 256 -1.34 11.05 2.92
N ALA A 257 -1.36 9.73 2.76
CA ALA A 257 -0.43 9.08 1.83
C ALA A 257 -0.70 9.53 0.40
N CYS A 258 -1.96 9.55 0.00
CA CYS A 258 -2.33 10.06 -1.31
C CYS A 258 -1.88 11.50 -1.50
N LEU A 259 -2.19 12.37 -0.52
CA LEU A 259 -1.78 13.77 -0.61
C LEU A 259 -0.30 13.90 -0.88
N ARG A 260 0.48 13.27 -0.02
CA ARG A 260 1.92 13.33 -0.12
C ARG A 260 2.48 12.82 -1.41
N ALA A 261 1.91 11.73 -1.89
CA ALA A 261 2.37 11.09 -3.11
C ALA A 261 2.09 11.96 -4.32
N VAL A 262 0.85 12.40 -4.48
CA VAL A 262 0.47 13.20 -5.64
C VAL A 262 1.18 14.55 -5.61
N ILE A 263 1.31 15.16 -4.44
CA ILE A 263 2.07 16.39 -4.35
C ILE A 263 3.54 16.12 -4.67
N GLY A 264 4.04 14.95 -4.29
CA GLY A 264 5.39 14.58 -4.60
C GLY A 264 5.66 14.31 -6.06
N GLY A 265 4.64 14.37 -6.92
CA GLY A 265 4.84 14.21 -8.34
C GLY A 265 4.25 12.95 -8.94
N VAL A 266 3.69 12.07 -8.12
CA VAL A 266 3.03 10.86 -8.61
C VAL A 266 1.74 11.30 -9.29
N PRO A 267 1.57 11.01 -10.59
CA PRO A 267 0.43 11.57 -11.33
C PRO A 267 -0.92 11.35 -10.66
N SER A 268 -1.23 10.13 -10.21
CA SER A 268 -2.48 9.97 -9.48
C SER A 268 -2.33 8.89 -8.41
N ALA A 269 -3.06 9.08 -7.33
CA ALA A 269 -3.20 8.09 -6.26
C ALA A 269 -4.66 7.68 -6.16
N HIS A 270 -4.90 6.43 -5.78
CA HIS A 270 -6.24 5.87 -5.85
C HIS A 270 -6.60 5.14 -4.56
N ILE A 271 -7.74 5.50 -4.00
CA ILE A 271 -8.35 4.82 -2.87
C ILE A 271 -9.37 3.85 -3.46
N ILE A 272 -9.05 2.56 -3.48
CA ILE A 272 -9.94 1.58 -4.11
C ILE A 272 -10.36 0.55 -3.07
N ASP A 273 -11.44 -0.17 -3.39
CA ASP A 273 -12.11 -1.05 -2.44
C ASP A 273 -11.46 -2.44 -2.46
N GLY A 274 -10.75 -2.77 -1.40
CA GLY A 274 -10.13 -4.08 -1.32
C GLY A 274 -11.11 -5.23 -1.17
N ARG A 275 -12.39 -4.94 -0.98
CA ARG A 275 -13.37 -5.98 -0.83
C ARG A 275 -13.84 -6.56 -2.12
N VAL A 276 -13.44 -5.93 -3.21
CA VAL A 276 -13.84 -6.34 -4.55
C VAL A 276 -12.74 -7.24 -5.10
N THR A 277 -13.12 -8.43 -5.55
CA THR A 277 -12.21 -9.32 -6.23
C THR A 277 -11.58 -8.62 -7.43
N HIS A 278 -10.26 -8.72 -7.55
CA HIS A 278 -9.54 -8.14 -8.67
C HIS A 278 -9.77 -6.63 -8.75
N CYS A 279 -9.92 -5.97 -7.59
CA CYS A 279 -10.07 -4.52 -7.61
C CYS A 279 -8.96 -3.84 -8.41
N VAL A 280 -7.70 -4.29 -8.22
CA VAL A 280 -6.60 -3.72 -9.02
C VAL A 280 -6.94 -3.72 -10.50
N LEU A 281 -7.31 -4.89 -11.05
CA LEU A 281 -7.66 -4.95 -12.46
C LEU A 281 -8.78 -3.97 -12.80
N VAL A 282 -9.80 -3.90 -11.96
CA VAL A 282 -10.93 -3.00 -12.22
C VAL A 282 -10.46 -1.56 -12.23
N GLU A 283 -9.63 -1.18 -11.27
CA GLU A 283 -9.25 0.23 -11.16
C GLU A 283 -8.31 0.66 -12.28
N LEU A 284 -7.43 -0.23 -12.73
CA LEU A 284 -6.43 0.16 -13.71
C LEU A 284 -6.91 0.06 -15.14
N PHE A 285 -7.66 -0.99 -15.49
CA PHE A 285 -7.97 -1.32 -16.87
C PHE A 285 -9.44 -1.13 -17.24
N THR A 286 -10.16 -0.33 -16.47
CA THR A 286 -11.60 -0.18 -16.60
C THR A 286 -11.98 1.20 -16.11
N ASP A 287 -12.99 1.80 -16.72
CA ASP A 287 -13.51 3.08 -16.24
C ASP A 287 -14.70 2.91 -15.29
N ALA A 288 -15.08 1.68 -14.98
CA ALA A 288 -16.13 1.39 -14.00
C ALA A 288 -15.57 1.25 -12.60
N GLY A 289 -14.48 1.94 -12.28
CA GLY A 289 -13.88 1.82 -10.97
C GLY A 289 -14.71 2.49 -9.89
N THR A 290 -14.83 1.80 -8.75
CA THR A 290 -15.48 2.37 -7.58
C THR A 290 -14.60 3.35 -6.81
N GLY A 291 -13.28 3.29 -7.00
CA GLY A 291 -12.37 4.06 -6.20
C GLY A 291 -12.51 5.57 -6.33
N THR A 292 -11.64 6.32 -5.66
CA THR A 292 -11.54 7.76 -5.85
C THR A 292 -10.10 8.11 -6.25
N LYS A 293 -9.97 8.91 -7.30
CA LYS A 293 -8.67 9.26 -7.87
C LYS A 293 -8.24 10.62 -7.34
N VAL A 294 -6.99 10.71 -6.88
CA VAL A 294 -6.43 11.96 -6.36
C VAL A 294 -5.40 12.48 -7.38
N VAL A 295 -5.59 13.73 -7.85
CA VAL A 295 -4.66 14.41 -8.76
C VAL A 295 -4.32 15.76 -8.15
N ARG A 296 -3.28 16.40 -8.69
CA ARG A 296 -2.82 17.66 -8.10
C ARG A 296 -3.66 18.84 -8.56
N GLY A 297 -3.87 19.79 -7.66
CA GLY A 297 -4.68 20.96 -7.93
C GLY A 297 -4.83 21.88 -6.72
#